data_9IMI
#
_entry.id   9IMI
#
_cell.length_a   67.470
_cell.length_b   71.469
_cell.length_c   102.488
_cell.angle_alpha   90.00
_cell.angle_beta   90.00
_cell.angle_gamma   90.00
#
_symmetry.space_group_name_H-M   'P 21 21 21'
#
loop_
_entity.id
_entity.type
_entity.pdbx_description
1 polymer Glycosyltransferase
2 non-polymer "URIDINE-5'-DIPHOSPHATE"
3 water water
#
_entity_poly.entity_id   1
_entity_poly.type   'polypeptide(L)'
_entity_poly.pdbx_seq_one_letter_code
;RRMDRENEGSLRVLMLPWLAHGHISPFLELAKRLAKKNFHIYLCSTPINLSSIKKTISQEYSLSIQLVELPLPSLPDLPP
QYHTTNGLPPHLMPTLKRAYEMSSPTFSNILKTLLPDLLIYDFNQMWAVDTATSLNIPSVQFSTTGTITASFAMYMLKNP
DSENAKYPFPEIYLWEYELERMRKAWVESSKVSDSNEGDQLLECASKSCGIILIKSFRELEGKYIDFFSELSGKKIVPVG
PLVQESLDDQDEKGEIIQWLDKKDKSSVVFVSFGSEYFLTSEEMEEIAHGLESGNVNFIWVLRFPVGKKISVAEALPKGF
LERIGDRGMVVEGWAPQAKILKHSSTGGFVSHCGWSSIMESMKLGIPIIAMPMQLDQPFNARLLEEFGVAMEVVREKDGT
LRREEIANVIRKVVVEKSGEGVRAKARQVSESLRKKGDEEVDEVVVELLQICRKYELIGKMSTLR
;
_entity_poly.pdbx_strand_id   A
#
loop_
_chem_comp.id
_chem_comp.type
_chem_comp.name
_chem_comp.formula
UDP RNA linking URIDINE-5'-DIPHOSPHATE 'C9 H14 N2 O12 P2'
#
# COMPACT_ATOMS: atom_id res chain seq x y z
N GLY A 9 -29.59 -3.30 5.26
CA GLY A 9 -28.82 -4.48 4.83
C GLY A 9 -27.48 -4.59 5.53
N SER A 10 -27.15 -5.77 6.03
CA SER A 10 -25.88 -5.96 6.76
C SER A 10 -25.31 -7.31 6.36
N LEU A 11 -23.99 -7.46 6.44
CA LEU A 11 -23.34 -8.74 6.09
C LEU A 11 -22.29 -9.06 7.13
N ARG A 12 -22.07 -10.34 7.35
CA ARG A 12 -20.97 -10.84 8.15
C ARG A 12 -19.87 -11.29 7.19
N VAL A 13 -18.73 -10.62 7.21
CA VAL A 13 -17.71 -10.76 6.17
C VAL A 13 -16.44 -11.30 6.82
N LEU A 14 -15.87 -12.32 6.21
CA LEU A 14 -14.56 -12.78 6.65
C LEU A 14 -13.54 -12.24 5.67
N MET A 15 -12.53 -11.55 6.18
CA MET A 15 -11.55 -10.89 5.33
C MET A 15 -10.21 -11.55 5.51
N LEU A 16 -9.55 -11.91 4.39
CA LEU A 16 -8.33 -12.71 4.39
C LEU A 16 -7.22 -12.00 3.63
N PRO A 17 -6.43 -11.15 4.30
CA PRO A 17 -5.31 -10.46 3.63
C PRO A 17 -4.12 -11.38 3.45
N TRP A 18 -3.30 -11.06 2.44
CA TRP A 18 -1.99 -11.67 2.32
C TRP A 18 -1.15 -11.29 3.56
N LEU A 19 -0.14 -12.10 3.84
CA LEU A 19 0.54 -12.08 5.14
C LEU A 19 1.58 -10.97 5.29
N ALA A 20 1.34 -9.79 4.72
CA ALA A 20 2.26 -8.68 4.79
C ALA A 20 1.56 -7.53 5.49
N HIS A 21 2.31 -6.76 6.29
CA HIS A 21 1.71 -5.58 6.93
C HIS A 21 1.10 -4.66 5.89
N GLY A 22 1.73 -4.58 4.72
CA GLY A 22 1.27 -3.74 3.64
C GLY A 22 -0.04 -4.20 3.02
N HIS A 23 -0.49 -5.41 3.35
CA HIS A 23 -1.77 -5.89 2.89
C HIS A 23 -2.83 -5.93 3.99
N ILE A 24 -2.47 -6.33 5.21
CA ILE A 24 -3.46 -6.32 6.28
C ILE A 24 -3.90 -4.90 6.63
N SER A 25 -3.02 -3.89 6.51
CA SER A 25 -3.43 -2.54 6.86
C SER A 25 -4.54 -2.02 5.94
N PRO A 26 -4.43 -2.08 4.62
CA PRO A 26 -5.60 -1.73 3.79
C PRO A 26 -6.83 -2.60 4.05
N PHE A 27 -6.66 -3.91 4.31
CA PHE A 27 -7.83 -4.72 4.65
C PHE A 27 -8.48 -4.21 5.93
N LEU A 28 -7.68 -3.88 6.94
CA LEU A 28 -8.21 -3.32 8.19
C LEU A 28 -8.94 -2.00 7.97
N GLU A 29 -8.38 -1.12 7.14
CA GLU A 29 -9.06 0.16 6.86
C GLU A 29 -10.38 -0.05 6.11
N LEU A 30 -10.42 -1.00 5.17
CA LEU A 30 -11.70 -1.36 4.54
C LEU A 30 -12.69 -1.92 5.57
N ALA A 31 -12.20 -2.76 6.47
CA ALA A 31 -13.05 -3.34 7.51
C ALA A 31 -13.68 -2.25 8.37
N LYS A 32 -12.90 -1.21 8.70
CA LYS A 32 -13.43 -0.11 9.49
C LYS A 32 -14.54 0.64 8.77
N ARG A 33 -14.39 0.87 7.46
CA ARG A 33 -15.45 1.56 6.74
C ARG A 33 -16.70 0.70 6.63
N LEU A 34 -16.54 -0.62 6.48
CA LEU A 34 -17.70 -1.50 6.43
C LEU A 34 -18.36 -1.60 7.80
N ALA A 35 -17.55 -1.63 8.86
CA ALA A 35 -18.08 -1.64 10.21
C ALA A 35 -18.98 -0.44 10.46
N LYS A 36 -18.62 0.72 9.93
CA LYS A 36 -19.43 1.91 10.16
C LYS A 36 -20.69 1.91 9.28
N LYS A 37 -20.84 0.91 8.43
CA LYS A 37 -22.07 0.66 7.68
C LYS A 37 -22.82 -0.56 8.23
N ASN A 38 -22.52 -0.95 9.47
CA ASN A 38 -23.23 -2.01 10.19
C ASN A 38 -22.91 -3.41 9.64
N PHE A 39 -21.76 -3.59 9.00
CA PHE A 39 -21.30 -4.94 8.73
C PHE A 39 -20.58 -5.47 9.98
N HIS A 40 -20.52 -6.78 10.12
CA HIS A 40 -19.65 -7.41 11.12
C HIS A 40 -18.49 -8.07 10.39
N ILE A 41 -17.26 -7.74 10.77
CA ILE A 41 -16.06 -8.18 10.06
C ILE A 41 -15.27 -9.15 10.93
N TYR A 42 -14.89 -10.29 10.34
CA TYR A 42 -13.90 -11.20 10.89
C TYR A 42 -12.63 -11.02 10.07
N LEU A 43 -11.60 -10.42 10.69
CA LEU A 43 -10.33 -10.16 10.04
C LEU A 43 -9.39 -11.30 10.42
N CYS A 44 -9.03 -12.11 9.43
CA CYS A 44 -8.39 -13.40 9.67
C CYS A 44 -6.97 -13.42 9.13
N SER A 45 -6.00 -13.62 10.02
CA SER A 45 -4.60 -13.74 9.60
C SER A 45 -3.83 -14.51 10.66
N THR A 46 -2.53 -14.66 10.44
CA THR A 46 -1.73 -15.43 11.37
C THR A 46 -1.59 -14.66 12.69
N PRO A 47 -1.41 -15.38 13.81
CA PRO A 47 -1.35 -14.69 15.10
C PRO A 47 -0.26 -13.62 15.17
N ILE A 48 0.86 -13.83 14.49
CA ILE A 48 1.92 -12.82 14.57
C ILE A 48 1.47 -11.51 13.92
N ASN A 49 0.64 -11.58 12.88
CA ASN A 49 0.09 -10.37 12.28
C ASN A 49 -1.02 -9.75 13.13
N LEU A 50 -1.90 -10.57 13.70
CA LEU A 50 -3.00 -10.03 14.49
C LEU A 50 -2.49 -9.32 15.74
N SER A 51 -1.50 -9.90 16.44
CA SER A 51 -0.96 -9.28 17.64
C SER A 51 -0.51 -7.84 17.39
N SER A 52 -0.02 -7.55 16.18
CA SER A 52 0.53 -6.24 15.86
C SER A 52 -0.57 -5.18 15.64
N ILE A 53 -1.35 -5.33 14.57
CA ILE A 53 -2.44 -4.39 14.33
C ILE A 53 -3.52 -4.45 15.41
N LYS A 54 -3.47 -5.45 16.30
CA LYS A 54 -4.39 -5.48 17.44
C LYS A 54 -4.33 -4.17 18.21
N LYS A 55 -3.11 -3.72 18.54
CA LYS A 55 -2.95 -2.53 19.36
C LYS A 55 -3.45 -1.26 18.66
N THR A 56 -3.39 -1.21 17.31
CA THR A 56 -3.84 -0.04 16.55
C THR A 56 -5.35 -0.03 16.27
N ILE A 57 -6.16 -0.84 16.95
CA ILE A 57 -7.59 -0.85 16.69
C ILE A 57 -8.28 -0.17 17.87
N SER A 58 -8.87 0.98 17.60
CA SER A 58 -9.66 1.70 18.58
C SER A 58 -10.80 0.84 19.13
N GLN A 59 -11.10 1.04 20.42
CA GLN A 59 -12.23 0.35 21.03
C GLN A 59 -13.56 0.68 20.35
N GLU A 60 -13.61 1.72 19.51
CA GLU A 60 -14.78 2.01 18.71
C GLU A 60 -15.21 0.82 17.85
N TYR A 61 -14.29 -0.11 17.56
CA TYR A 61 -14.56 -1.27 16.72
C TYR A 61 -14.72 -2.56 17.52
N SER A 62 -14.90 -2.44 18.84
CA SER A 62 -14.97 -3.61 19.71
C SER A 62 -16.10 -4.57 19.32
N LEU A 63 -17.22 -4.04 18.84
CA LEU A 63 -18.35 -4.88 18.48
C LEU A 63 -18.27 -5.38 17.05
N SER A 64 -17.68 -4.59 16.16
CA SER A 64 -17.85 -4.77 14.74
C SER A 64 -16.66 -5.43 14.04
N ILE A 65 -15.47 -5.43 14.64
CA ILE A 65 -14.30 -6.08 14.04
C ILE A 65 -13.76 -7.09 15.02
N GLN A 66 -13.76 -8.37 14.64
CA GLN A 66 -13.22 -9.43 15.45
C GLN A 66 -12.01 -10.02 14.74
N LEU A 67 -10.90 -10.18 15.47
CA LEU A 67 -9.71 -10.81 14.90
C LEU A 67 -9.83 -12.32 15.04
N VAL A 68 -9.49 -13.04 13.98
CA VAL A 68 -9.60 -14.50 13.97
C VAL A 68 -8.26 -15.08 13.56
N GLU A 69 -7.69 -15.93 14.41
CA GLU A 69 -6.35 -16.43 14.20
C GLU A 69 -6.36 -17.60 13.22
N LEU A 70 -5.45 -17.57 12.26
CA LEU A 70 -5.21 -18.66 11.32
C LEU A 70 -3.75 -19.08 11.48
N PRO A 71 -3.45 -20.02 12.39
CA PRO A 71 -2.07 -20.47 12.53
C PRO A 71 -1.66 -21.32 11.33
N LEU A 72 -0.38 -21.26 11.00
CA LEU A 72 0.11 -22.12 9.95
C LEU A 72 0.82 -23.32 10.56
N PRO A 73 0.96 -24.42 9.82
CA PRO A 73 1.88 -25.47 10.25
C PRO A 73 3.30 -24.93 10.34
N SER A 74 3.97 -25.20 11.45
CA SER A 74 5.30 -24.67 11.65
C SER A 74 6.35 -25.76 11.47
N LEU A 75 7.50 -25.33 10.96
CA LEU A 75 8.69 -26.12 10.76
C LEU A 75 9.86 -25.47 11.51
N PRO A 76 10.95 -26.20 11.77
CA PRO A 76 12.10 -25.60 12.45
C PRO A 76 12.58 -24.30 11.81
N ASP A 77 12.64 -24.23 10.48
CA ASP A 77 13.06 -23.03 9.77
C ASP A 77 11.97 -21.97 9.67
N LEU A 78 10.71 -22.32 9.96
CA LEU A 78 9.59 -21.38 9.88
C LEU A 78 8.71 -21.55 11.11
N PRO A 79 9.17 -21.08 12.26
CA PRO A 79 8.32 -21.06 13.47
C PRO A 79 7.27 -19.98 13.36
N PRO A 80 6.28 -19.96 14.28
CA PRO A 80 5.16 -19.00 14.12
C PRO A 80 5.59 -17.55 14.10
N GLN A 81 6.77 -17.24 14.63
CA GLN A 81 7.26 -15.86 14.61
C GLN A 81 7.55 -15.41 13.19
N TYR A 82 7.81 -16.35 12.29
CA TYR A 82 8.08 -16.04 10.89
C TYR A 82 6.87 -16.29 9.99
N HIS A 83 5.67 -16.37 10.55
CA HIS A 83 4.47 -16.58 9.73
C HIS A 83 3.93 -15.25 9.22
N THR A 84 4.82 -14.52 8.54
CA THR A 84 4.57 -13.17 8.00
C THR A 84 5.74 -12.81 7.10
N THR A 85 5.52 -11.88 6.17
CA THR A 85 6.62 -11.37 5.36
C THR A 85 7.42 -10.26 6.04
N ASN A 86 6.91 -9.68 7.13
CA ASN A 86 7.58 -8.58 7.80
C ASN A 86 8.83 -9.09 8.50
N GLY A 87 10.01 -8.70 8.00
CA GLY A 87 11.25 -9.16 8.59
C GLY A 87 11.59 -10.60 8.27
N LEU A 88 10.97 -11.17 7.24
CA LEU A 88 11.21 -12.56 6.89
C LEU A 88 12.51 -12.66 6.08
N PRO A 89 13.39 -13.61 6.41
CA PRO A 89 14.53 -13.92 5.53
C PRO A 89 14.05 -14.25 4.13
N PRO A 90 14.65 -13.66 3.11
CA PRO A 90 14.12 -13.83 1.74
C PRO A 90 14.13 -15.26 1.22
N HIS A 91 15.10 -16.09 1.61
CA HIS A 91 15.13 -17.49 1.16
C HIS A 91 13.96 -18.29 1.71
N LEU A 92 13.30 -17.81 2.77
CA LEU A 92 12.17 -18.51 3.36
C LEU A 92 10.82 -18.15 2.72
N MET A 93 10.82 -17.39 1.63
CA MET A 93 9.53 -16.97 1.08
C MET A 93 8.77 -18.14 0.46
N PRO A 94 9.41 -19.03 -0.31
CA PRO A 94 8.65 -20.21 -0.80
C PRO A 94 8.14 -21.11 0.31
N THR A 95 8.88 -21.23 1.41
CA THR A 95 8.40 -22.00 2.55
C THR A 95 7.20 -21.32 3.22
N LEU A 96 7.22 -19.98 3.32
CA LEU A 96 6.07 -19.30 3.90
C LEU A 96 4.83 -19.45 3.02
N LYS A 97 4.99 -19.29 1.70
CA LYS A 97 3.84 -19.46 0.81
C LYS A 97 3.30 -20.89 0.90
N ARG A 98 4.19 -21.88 1.01
CA ARG A 98 3.73 -23.26 1.14
C ARG A 98 2.98 -23.47 2.44
N ALA A 99 3.54 -22.96 3.55
CA ALA A 99 2.86 -23.10 4.84
C ALA A 99 1.48 -22.46 4.82
N TYR A 100 1.35 -21.32 4.13
CA TYR A 100 0.05 -20.64 4.04
C TYR A 100 -0.95 -21.52 3.29
N GLU A 101 -0.54 -22.09 2.16
CA GLU A 101 -1.41 -23.04 1.46
C GLU A 101 -1.81 -24.19 2.37
N MET A 102 -0.90 -24.69 3.18
CA MET A 102 -1.19 -25.86 4.01
C MET A 102 -2.05 -25.54 5.23
N SER A 103 -2.34 -24.26 5.50
CA SER A 103 -3.29 -23.93 6.56
C SER A 103 -4.73 -24.04 6.08
N SER A 104 -4.95 -24.41 4.83
CA SER A 104 -6.30 -24.52 4.26
C SER A 104 -7.27 -25.34 5.11
N PRO A 105 -6.92 -26.53 5.62
CA PRO A 105 -7.89 -27.24 6.49
C PRO A 105 -8.24 -26.46 7.74
N THR A 106 -7.28 -25.77 8.34
CA THR A 106 -7.61 -24.90 9.47
C THR A 106 -8.58 -23.80 9.05
N PHE A 107 -8.39 -23.25 7.85
CA PHE A 107 -9.29 -22.21 7.34
C PHE A 107 -10.70 -22.75 7.09
N SER A 108 -10.82 -23.95 6.50
CA SER A 108 -12.14 -24.54 6.30
C SER A 108 -12.90 -24.66 7.60
N ASN A 109 -12.21 -25.07 8.68
CA ASN A 109 -12.87 -25.18 9.97
C ASN A 109 -13.29 -23.81 10.53
N ILE A 110 -12.49 -22.76 10.29
CA ILE A 110 -12.94 -21.42 10.67
C ILE A 110 -14.22 -21.07 9.92
N LEU A 111 -14.25 -21.36 8.61
CA LEU A 111 -15.44 -21.05 7.81
C LEU A 111 -16.65 -21.86 8.27
N LYS A 112 -16.45 -23.14 8.59
CA LYS A 112 -17.55 -23.96 9.08
C LYS A 112 -18.07 -23.42 10.40
N THR A 113 -17.17 -22.91 11.25
CA THR A 113 -17.54 -22.40 12.56
C THR A 113 -18.30 -21.09 12.45
N LEU A 114 -17.77 -20.13 11.66
CA LEU A 114 -18.35 -18.79 11.59
C LEU A 114 -19.46 -18.68 10.55
N LEU A 115 -19.40 -19.43 9.46
CA LEU A 115 -20.35 -19.38 8.36
C LEU A 115 -20.68 -17.95 7.95
N PRO A 116 -19.69 -17.17 7.51
CA PRO A 116 -19.97 -15.79 7.11
C PRO A 116 -20.80 -15.73 5.82
N ASP A 117 -21.41 -14.57 5.58
CA ASP A 117 -22.10 -14.36 4.31
C ASP A 117 -21.15 -14.15 3.14
N LEU A 118 -19.90 -13.77 3.40
CA LEU A 118 -19.00 -13.37 2.31
C LEU A 118 -17.55 -13.52 2.75
N LEU A 119 -16.70 -13.94 1.81
CA LEU A 119 -15.26 -13.92 1.99
C LEU A 119 -14.68 -12.84 1.09
N ILE A 120 -13.84 -11.98 1.67
CA ILE A 120 -13.03 -11.05 0.88
C ILE A 120 -11.59 -11.51 1.00
N TYR A 121 -10.96 -11.82 -0.13
CA TYR A 121 -9.62 -12.39 -0.17
C TYR A 121 -8.71 -11.49 -1.02
N ASP A 122 -7.43 -11.85 -1.07
CA ASP A 122 -6.34 -11.06 -1.65
C ASP A 122 -5.89 -11.74 -2.95
N PHE A 123 -4.61 -11.61 -3.29
CA PHE A 123 -4.22 -11.92 -4.67
C PHE A 123 -3.94 -13.39 -4.92
N ASN A 124 -3.76 -14.24 -3.90
CA ASN A 124 -3.35 -15.59 -4.25
C ASN A 124 -3.99 -16.74 -3.45
N GLN A 125 -5.05 -16.51 -2.68
CA GLN A 125 -5.57 -17.60 -1.85
C GLN A 125 -6.64 -18.39 -2.59
N MET A 126 -6.21 -19.04 -3.69
CA MET A 126 -7.07 -19.96 -4.41
C MET A 126 -7.72 -20.97 -3.48
N TRP A 127 -6.93 -21.57 -2.59
CA TRP A 127 -7.45 -22.55 -1.65
C TRP A 127 -8.56 -21.98 -0.77
N ALA A 128 -8.47 -20.69 -0.45
CA ALA A 128 -9.49 -20.10 0.42
C ALA A 128 -10.81 -19.91 -0.34
N VAL A 129 -10.74 -19.44 -1.58
CA VAL A 129 -11.94 -19.32 -2.41
C VAL A 129 -12.61 -20.68 -2.57
N ASP A 130 -11.82 -21.71 -2.89
CA ASP A 130 -12.38 -23.04 -3.10
C ASP A 130 -13.11 -23.52 -1.87
N THR A 131 -12.52 -23.28 -0.69
CA THR A 131 -13.16 -23.68 0.56
C THR A 131 -14.51 -22.98 0.75
N ALA A 132 -14.54 -21.65 0.56
CA ALA A 132 -15.81 -20.94 0.68
C ALA A 132 -16.83 -21.48 -0.32
N THR A 133 -16.40 -21.73 -1.56
CA THR A 133 -17.32 -22.23 -2.57
C THR A 133 -17.95 -23.55 -2.15
N SER A 134 -17.15 -24.47 -1.59
CA SER A 134 -17.68 -25.74 -1.14
C SER A 134 -18.70 -25.57 -0.03
N LEU A 135 -18.67 -24.47 0.71
CA LEU A 135 -19.69 -24.19 1.71
C LEU A 135 -20.72 -23.19 1.20
N ASN A 136 -20.74 -22.92 -0.10
CA ASN A 136 -21.74 -22.03 -0.70
C ASN A 136 -21.62 -20.62 -0.10
N ILE A 137 -20.39 -20.14 0.02
CA ILE A 137 -20.10 -18.76 0.45
C ILE A 137 -19.44 -18.05 -0.70
N PRO A 138 -19.94 -16.90 -1.15
CA PRO A 138 -19.31 -16.17 -2.25
C PRO A 138 -18.03 -15.49 -1.80
N SER A 139 -17.18 -15.20 -2.79
CA SER A 139 -15.84 -14.70 -2.56
C SER A 139 -15.60 -13.54 -3.51
N VAL A 140 -15.11 -12.42 -2.97
CA VAL A 140 -14.82 -11.23 -3.74
C VAL A 140 -13.38 -10.83 -3.46
N GLN A 141 -12.60 -10.61 -4.52
CA GLN A 141 -11.21 -10.20 -4.37
C GLN A 141 -11.12 -8.72 -4.06
N PHE A 142 -10.18 -8.37 -3.20
CA PHE A 142 -9.83 -6.98 -2.89
C PHE A 142 -8.37 -6.76 -3.26
N SER A 143 -8.12 -5.91 -4.26
CA SER A 143 -6.76 -5.54 -4.64
C SER A 143 -6.32 -4.32 -3.86
N THR A 144 -5.24 -4.45 -3.10
CA THR A 144 -4.78 -3.36 -2.24
C THR A 144 -3.89 -2.37 -2.96
N THR A 145 -3.52 -2.63 -4.21
CA THR A 145 -2.81 -1.68 -5.05
C THR A 145 -3.78 -1.14 -6.11
N GLY A 146 -3.28 -0.24 -6.95
CA GLY A 146 -4.15 0.50 -7.85
C GLY A 146 -4.46 -0.23 -9.14
N THR A 147 -5.33 0.38 -9.95
CA THR A 147 -5.77 -0.29 -11.17
C THR A 147 -4.73 -0.26 -12.28
N ILE A 148 -3.81 0.70 -12.23
CA ILE A 148 -2.72 0.73 -13.17
C ILE A 148 -1.86 -0.51 -12.99
N THR A 149 -1.61 -0.88 -11.73
CA THR A 149 -0.88 -2.10 -11.41
C THR A 149 -1.66 -3.34 -11.81
N ALA A 150 -2.96 -3.37 -11.51
CA ALA A 150 -3.75 -4.56 -11.82
C ALA A 150 -3.89 -4.75 -13.32
N SER A 151 -4.13 -3.67 -14.07
CA SER A 151 -4.37 -3.85 -15.49
C SER A 151 -3.07 -4.15 -16.23
N PHE A 152 -1.93 -3.62 -15.77
CA PHE A 152 -0.66 -4.06 -16.34
C PHE A 152 -0.46 -5.55 -16.16
N ALA A 153 -0.77 -6.07 -14.96
CA ALA A 153 -0.60 -7.50 -14.71
C ALA A 153 -1.47 -8.35 -15.64
N MET A 154 -2.71 -7.92 -15.87
CA MET A 154 -3.55 -8.65 -16.82
C MET A 154 -2.99 -8.57 -18.22
N TYR A 155 -2.58 -7.37 -18.65
CA TYR A 155 -1.95 -7.19 -19.95
C TYR A 155 -0.76 -8.13 -20.13
N MET A 156 0.01 -8.36 -19.06
CA MET A 156 1.13 -9.30 -19.12
C MET A 156 0.68 -10.75 -19.14
N LEU A 157 -0.35 -11.10 -18.37
CA LEU A 157 -0.75 -12.50 -18.22
C LEU A 157 -1.81 -12.96 -19.23
N LYS A 158 -2.60 -12.05 -19.79
CA LYS A 158 -3.72 -12.45 -20.63
C LYS A 158 -3.46 -12.21 -22.11
N ASN A 159 -2.21 -11.99 -22.50
CA ASN A 159 -1.87 -11.84 -23.90
C ASN A 159 -0.99 -13.00 -24.39
N TYR A 167 -0.77 -1.72 -24.65
CA TYR A 167 -1.17 -0.93 -23.49
C TYR A 167 -1.52 0.51 -23.91
N PRO A 168 -2.79 0.89 -23.79
CA PRO A 168 -3.28 2.07 -24.54
C PRO A 168 -3.04 3.42 -23.86
N PHE A 169 -2.09 3.53 -22.96
CA PHE A 169 -1.91 4.75 -22.18
C PHE A 169 -0.48 5.26 -22.30
N PRO A 170 -0.22 6.24 -23.18
CA PRO A 170 1.16 6.66 -23.44
C PRO A 170 1.85 7.34 -22.28
N GLU A 171 1.09 7.88 -21.32
CA GLU A 171 1.69 8.46 -20.12
C GLU A 171 2.25 7.40 -19.18
N ILE A 172 1.89 6.14 -19.36
CA ILE A 172 2.40 5.07 -18.52
C ILE A 172 3.48 4.35 -19.30
N TYR A 173 4.73 4.61 -18.92
CA TYR A 173 5.89 4.13 -19.65
C TYR A 173 6.96 3.76 -18.65
N LEU A 174 8.05 3.18 -19.14
CA LEU A 174 9.18 2.81 -18.31
C LEU A 174 10.43 3.51 -18.83
N TRP A 175 11.20 4.11 -17.92
CA TRP A 175 12.54 4.56 -18.28
C TRP A 175 13.38 3.34 -18.65
N GLU A 176 14.42 3.54 -19.47
CA GLU A 176 15.22 2.42 -19.94
C GLU A 176 15.87 1.68 -18.77
N TYR A 177 16.36 2.43 -17.77
CA TYR A 177 17.03 1.80 -16.63
C TYR A 177 16.07 1.04 -15.73
N GLU A 178 14.76 1.14 -15.95
CA GLU A 178 13.81 0.37 -15.16
C GLU A 178 13.42 -0.94 -15.83
N LEU A 179 13.75 -1.12 -17.11
CA LEU A 179 13.32 -2.31 -17.84
C LEU A 179 13.89 -3.58 -17.22
N GLU A 180 15.16 -3.54 -16.81
CA GLU A 180 15.83 -4.77 -16.40
C GLU A 180 15.18 -5.38 -15.17
N ARG A 181 14.93 -4.56 -14.15
CA ARG A 181 14.24 -5.05 -12.96
C ARG A 181 12.85 -5.58 -13.30
N MET A 182 12.16 -4.91 -14.22
CA MET A 182 10.85 -5.39 -14.64
C MET A 182 10.95 -6.72 -15.37
N ARG A 183 11.91 -6.84 -16.28
CA ARG A 183 12.05 -8.06 -17.06
C ARG A 183 12.37 -9.26 -16.17
N LYS A 184 13.33 -9.10 -15.26
CA LYS A 184 13.69 -10.20 -14.38
C LYS A 184 12.52 -10.63 -13.51
N ALA A 185 11.69 -9.68 -13.08
CA ALA A 185 10.55 -10.01 -12.22
C ALA A 185 9.52 -10.86 -12.95
N TRP A 186 9.25 -10.55 -14.23
CA TRP A 186 8.22 -11.28 -14.97
C TRP A 186 8.74 -12.52 -15.68
N VAL A 187 10.05 -12.60 -15.91
CA VAL A 187 10.64 -13.73 -16.60
C VAL A 187 11.00 -14.88 -15.66
N GLU A 188 10.87 -14.68 -14.35
CA GLU A 188 11.15 -15.72 -13.35
C GLU A 188 9.89 -16.49 -12.93
N GLU A 197 2.99 -17.56 -9.30
CA GLU A 197 2.47 -18.27 -10.49
C GLU A 197 1.42 -17.43 -11.20
N GLY A 198 1.67 -17.14 -12.48
CA GLY A 198 0.76 -16.30 -13.24
C GLY A 198 -0.60 -16.91 -13.41
N ASP A 199 -0.66 -18.23 -13.71
CA ASP A 199 -1.93 -18.93 -13.85
C ASP A 199 -2.76 -18.80 -12.58
N GLN A 200 -2.12 -18.89 -11.41
CA GLN A 200 -2.84 -18.76 -10.16
C GLN A 200 -3.40 -17.35 -10.00
N LEU A 201 -2.60 -16.34 -10.34
CA LEU A 201 -3.07 -14.96 -10.20
C LEU A 201 -4.27 -14.68 -11.11
N LEU A 202 -4.24 -15.20 -12.34
CA LEU A 202 -5.41 -15.05 -13.21
C LEU A 202 -6.60 -15.80 -12.65
N GLU A 203 -6.41 -17.03 -12.16
CA GLU A 203 -7.54 -17.79 -11.66
C GLU A 203 -8.18 -17.10 -10.47
N CYS A 204 -7.36 -16.61 -9.54
CA CYS A 204 -7.90 -15.92 -8.36
C CYS A 204 -8.81 -14.78 -8.77
N ALA A 205 -8.34 -13.94 -9.71
CA ALA A 205 -9.14 -12.85 -10.20
C ALA A 205 -10.40 -13.36 -10.90
N SER A 206 -10.27 -14.44 -11.69
CA SER A 206 -11.42 -14.94 -12.44
C SER A 206 -12.50 -15.50 -11.52
N LYS A 207 -12.13 -16.02 -10.36
CA LYS A 207 -13.12 -16.59 -9.46
C LYS A 207 -13.76 -15.55 -8.53
N SER A 208 -13.40 -14.28 -8.67
CA SER A 208 -14.07 -13.24 -7.89
C SER A 208 -15.52 -13.10 -8.33
N CYS A 209 -16.46 -13.06 -7.37
CA CYS A 209 -17.88 -13.12 -7.70
C CYS A 209 -18.33 -11.75 -8.20
N GLY A 210 -18.42 -11.61 -9.52
CA GLY A 210 -19.02 -10.41 -10.11
C GLY A 210 -18.18 -9.16 -10.14
N ILE A 211 -17.58 -8.79 -9.01
CA ILE A 211 -16.83 -7.55 -8.89
C ILE A 211 -15.46 -7.86 -8.33
N ILE A 212 -14.52 -6.94 -8.56
CA ILE A 212 -13.28 -6.88 -7.83
C ILE A 212 -13.20 -5.51 -7.18
N LEU A 213 -12.95 -5.48 -5.87
CA LEU A 213 -12.75 -4.22 -5.15
C LEU A 213 -11.31 -3.77 -5.30
N ILE A 214 -11.08 -2.46 -5.34
CA ILE A 214 -9.72 -1.98 -5.55
C ILE A 214 -9.52 -0.69 -4.77
N LYS A 215 -8.35 -0.53 -4.16
CA LYS A 215 -8.02 0.66 -3.40
C LYS A 215 -7.65 1.74 -4.41
N SER A 216 -8.60 2.60 -4.75
CA SER A 216 -8.42 3.65 -5.74
C SER A 216 -9.62 4.57 -5.70
N PHE A 217 -9.64 5.55 -6.60
CA PHE A 217 -10.80 6.43 -6.78
C PHE A 217 -10.74 6.99 -8.19
N ARG A 218 -11.92 7.30 -8.74
CA ARG A 218 -12.03 7.53 -10.19
C ARG A 218 -11.30 8.79 -10.62
N GLU A 219 -11.28 9.83 -9.78
CA GLU A 219 -10.60 11.07 -10.14
C GLU A 219 -9.13 10.84 -10.43
N LEU A 220 -8.53 9.81 -9.82
CA LEU A 220 -7.14 9.47 -10.08
C LEU A 220 -6.99 8.44 -11.18
N GLU A 221 -7.86 7.44 -11.24
CA GLU A 221 -7.58 6.25 -12.05
C GLU A 221 -8.73 5.82 -12.94
N GLY A 222 -9.79 6.63 -13.09
CA GLY A 222 -10.99 6.24 -13.83
C GLY A 222 -10.74 5.40 -15.07
N LYS A 223 -9.94 5.92 -16.00
CA LYS A 223 -9.78 5.21 -17.27
C LYS A 223 -8.98 3.92 -17.13
N TYR A 224 -8.05 3.84 -16.17
CA TYR A 224 -7.37 2.56 -15.91
C TYR A 224 -8.31 1.58 -15.21
N ILE A 225 -9.22 2.09 -14.37
CA ILE A 225 -10.24 1.25 -13.77
C ILE A 225 -11.11 0.60 -14.84
N ASP A 226 -11.56 1.40 -15.81
CA ASP A 226 -12.38 0.88 -16.91
C ASP A 226 -11.62 -0.13 -17.75
N PHE A 227 -10.34 0.14 -18.01
CA PHE A 227 -9.53 -0.79 -18.78
C PHE A 227 -9.37 -2.13 -18.05
N PHE A 228 -9.08 -2.08 -16.75
CA PHE A 228 -9.00 -3.28 -15.92
C PHE A 228 -10.31 -4.07 -15.97
N SER A 229 -11.45 -3.37 -15.91
CA SER A 229 -12.75 -4.04 -15.99
C SER A 229 -12.91 -4.79 -17.32
N GLU A 230 -12.49 -4.17 -18.41
CA GLU A 230 -12.62 -4.82 -19.71
C GLU A 230 -11.71 -6.05 -19.79
N LEU A 231 -10.49 -5.95 -19.26
CA LEU A 231 -9.53 -7.05 -19.31
C LEU A 231 -9.97 -8.23 -18.45
N SER A 232 -10.45 -7.95 -17.24
CA SER A 232 -10.81 -9.00 -16.29
C SER A 232 -12.20 -9.55 -16.51
N GLY A 233 -13.06 -8.84 -17.23
CA GLY A 233 -14.46 -9.24 -17.31
C GLY A 233 -15.23 -9.11 -16.01
N LYS A 234 -14.77 -8.26 -15.08
CA LYS A 234 -15.46 -8.02 -13.82
C LYS A 234 -15.73 -6.54 -13.66
N LYS A 235 -16.81 -6.21 -12.97
CA LYS A 235 -16.98 -4.82 -12.58
C LYS A 235 -15.96 -4.46 -11.50
N ILE A 236 -15.17 -3.42 -11.75
CA ILE A 236 -14.16 -3.00 -10.78
C ILE A 236 -14.77 -1.93 -9.91
N VAL A 237 -14.74 -2.13 -8.60
CA VAL A 237 -15.41 -1.21 -7.68
C VAL A 237 -14.36 -0.55 -6.81
N PRO A 238 -14.09 0.74 -7.00
CA PRO A 238 -13.13 1.44 -6.13
C PRO A 238 -13.70 1.63 -4.73
N VAL A 239 -12.86 1.44 -3.72
CA VAL A 239 -13.30 1.63 -2.34
C VAL A 239 -12.76 2.92 -1.73
N GLY A 240 -12.11 3.77 -2.53
CA GLY A 240 -11.55 4.99 -1.99
C GLY A 240 -10.12 4.83 -1.50
N PRO A 241 -9.52 5.93 -1.04
CA PRO A 241 -8.09 5.89 -0.64
C PRO A 241 -7.82 5.11 0.62
N LEU A 242 -8.80 4.93 1.50
CA LEU A 242 -8.65 4.07 2.68
C LEU A 242 -7.49 4.54 3.54
N VAL A 243 -7.45 5.83 3.82
CA VAL A 243 -6.36 6.38 4.60
C VAL A 243 -6.73 6.30 6.09
N GLN A 244 -5.80 5.80 6.90
CA GLN A 244 -6.02 5.72 8.35
C GLN A 244 -6.22 7.10 8.99
N GLU A 252 0.42 13.40 23.66
CA GLU A 252 1.80 13.50 24.16
C GLU A 252 2.78 13.59 23.00
N LYS A 253 3.52 14.70 22.91
CA LYS A 253 4.30 15.02 21.72
C LYS A 253 5.66 14.34 21.77
N GLY A 254 5.95 13.54 20.73
CA GLY A 254 7.26 12.94 20.58
C GLY A 254 8.31 13.93 20.13
N GLU A 255 9.57 13.47 20.12
CA GLU A 255 10.68 14.33 19.74
C GLU A 255 10.55 14.80 18.30
N ILE A 256 10.10 13.92 17.41
CA ILE A 256 9.95 14.33 16.01
C ILE A 256 8.94 15.45 15.90
N ILE A 257 7.77 15.28 16.51
CA ILE A 257 6.72 16.30 16.41
C ILE A 257 7.15 17.58 17.10
N GLN A 258 7.89 17.47 18.22
CA GLN A 258 8.40 18.65 18.91
C GLN A 258 9.37 19.44 18.04
N TRP A 259 10.21 18.74 17.30
CA TRP A 259 11.13 19.41 16.37
C TRP A 259 10.36 20.07 15.22
N LEU A 260 9.35 19.38 14.69
CA LEU A 260 8.52 19.95 13.62
C LEU A 260 7.85 21.24 14.05
N ASP A 261 7.41 21.30 15.31
CA ASP A 261 6.72 22.48 15.81
C ASP A 261 7.58 23.73 15.72
N LYS A 262 8.91 23.57 15.68
CA LYS A 262 9.83 24.70 15.64
C LYS A 262 10.12 25.20 14.22
N LYS A 263 9.65 24.52 13.18
CA LYS A 263 9.99 24.89 11.81
C LYS A 263 8.85 25.67 11.14
N ASP A 264 9.21 26.44 10.11
CA ASP A 264 8.24 27.23 9.36
C ASP A 264 7.22 26.34 8.64
N LYS A 265 6.11 26.96 8.25
CA LYS A 265 5.04 26.24 7.56
C LYS A 265 5.53 25.69 6.23
N SER A 266 5.14 24.44 5.93
CA SER A 266 5.40 23.83 4.64
C SER A 266 6.88 23.89 4.24
N SER A 267 7.76 23.79 5.21
CA SER A 267 9.19 23.90 4.94
C SER A 267 9.97 22.60 5.10
N VAL A 268 9.37 21.51 5.58
CA VAL A 268 10.13 20.30 5.88
C VAL A 268 9.77 19.21 4.88
N VAL A 269 10.79 18.50 4.39
CA VAL A 269 10.58 17.34 3.53
C VAL A 269 10.78 16.08 4.37
N PHE A 270 9.80 15.17 4.29
CA PHE A 270 9.86 13.85 4.90
C PHE A 270 10.37 12.84 3.88
N VAL A 271 11.30 11.97 4.30
CA VAL A 271 11.99 11.05 3.41
C VAL A 271 11.81 9.65 3.98
N SER A 272 11.10 8.80 3.25
CA SER A 272 10.88 7.43 3.70
C SER A 272 10.70 6.53 2.50
N PHE A 273 11.32 5.35 2.52
CA PHE A 273 11.21 4.44 1.38
C PHE A 273 10.43 3.17 1.71
N GLY A 274 9.41 3.31 2.55
CA GLY A 274 8.48 2.19 2.80
C GLY A 274 8.92 1.22 3.86
N SER A 275 8.23 0.08 3.95
CA SER A 275 8.52 -0.89 5.02
C SER A 275 9.23 -2.14 4.47
N GLU A 276 9.35 -2.28 3.16
CA GLU A 276 9.95 -3.51 2.58
C GLU A 276 11.14 -3.23 1.65
N TYR A 277 11.72 -2.03 1.66
CA TYR A 277 12.86 -1.83 0.77
C TYR A 277 14.02 -1.28 1.59
N PHE A 278 15.22 -1.72 1.25
CA PHE A 278 16.44 -1.25 1.90
C PHE A 278 17.31 -0.53 0.89
N LEU A 279 17.73 0.69 1.23
CA LEU A 279 18.60 1.44 0.35
C LEU A 279 19.96 0.75 0.25
N THR A 280 20.48 0.70 -0.97
CA THR A 280 21.86 0.29 -1.17
C THR A 280 22.80 1.34 -0.58
N SER A 281 24.05 0.95 -0.38
CA SER A 281 25.04 1.85 0.20
C SER A 281 25.20 3.09 -0.66
N GLU A 282 25.33 2.89 -1.98
CA GLU A 282 25.44 4.02 -2.90
C GLU A 282 24.20 4.91 -2.81
N GLU A 283 23.01 4.31 -2.86
CA GLU A 283 21.77 5.10 -2.78
C GLU A 283 21.76 5.95 -1.52
N MET A 284 22.09 5.34 -0.39
CA MET A 284 22.01 6.06 0.87
C MET A 284 22.96 7.26 0.89
N GLU A 285 24.17 7.08 0.35
CA GLU A 285 25.15 8.17 0.31
C GLU A 285 24.63 9.34 -0.52
N GLU A 286 24.15 9.06 -1.75
CA GLU A 286 23.71 10.15 -2.64
C GLU A 286 22.52 10.89 -2.05
N ILE A 287 21.60 10.17 -1.41
CA ILE A 287 20.46 10.83 -0.78
C ILE A 287 20.94 11.77 0.32
N ALA A 288 21.95 11.33 1.08
CA ALA A 288 22.49 12.20 2.13
C ALA A 288 23.11 13.45 1.51
N HIS A 289 23.93 13.27 0.48
CA HIS A 289 24.48 14.44 -0.21
C HIS A 289 23.38 15.30 -0.82
N GLY A 290 22.36 14.67 -1.40
CA GLY A 290 21.26 15.44 -1.98
C GLY A 290 20.51 16.26 -0.95
N LEU A 291 20.30 15.69 0.25
CA LEU A 291 19.60 16.41 1.30
C LEU A 291 20.42 17.61 1.77
N GLU A 292 21.73 17.44 1.88
CA GLU A 292 22.57 18.55 2.29
C GLU A 292 22.67 19.58 1.18
N SER A 293 22.80 19.15 -0.08
CA SER A 293 22.85 20.10 -1.18
C SER A 293 21.54 20.88 -1.31
N GLY A 294 20.41 20.24 -0.99
CA GLY A 294 19.12 20.89 -1.16
C GLY A 294 18.84 22.01 -0.17
N ASN A 295 19.47 21.95 1.00
CA ASN A 295 19.28 22.94 2.06
C ASN A 295 17.80 23.18 2.38
N VAL A 296 17.05 22.10 2.46
CA VAL A 296 15.66 22.11 2.92
C VAL A 296 15.62 21.25 4.17
N ASN A 297 15.01 21.77 5.26
CA ASN A 297 14.86 21.00 6.48
C ASN A 297 14.29 19.62 6.16
N PHE A 298 14.79 18.57 6.80
CA PHE A 298 14.27 17.24 6.49
C PHE A 298 14.12 16.35 7.72
N ILE A 299 13.33 15.30 7.52
CA ILE A 299 13.16 14.16 8.42
C ILE A 299 13.30 12.91 7.55
N TRP A 300 14.32 12.12 7.82
CA TRP A 300 14.70 10.98 6.98
C TRP A 300 14.74 9.74 7.86
N VAL A 301 13.88 8.78 7.58
CA VAL A 301 13.88 7.53 8.34
C VAL A 301 14.79 6.54 7.65
N LEU A 302 15.78 6.05 8.38
CA LEU A 302 16.79 5.14 7.87
C LEU A 302 16.54 3.75 8.42
N ARG A 303 16.39 2.77 7.54
CA ARG A 303 16.14 1.40 7.93
C ARG A 303 17.32 0.55 7.50
N PHE A 304 17.85 -0.24 8.44
CA PHE A 304 18.95 -1.15 8.20
C PHE A 304 18.48 -2.60 8.35
N PRO A 305 19.05 -3.53 7.60
CA PRO A 305 18.73 -4.95 7.81
C PRO A 305 19.27 -5.40 9.16
N VAL A 306 18.59 -6.38 9.74
CA VAL A 306 18.90 -6.87 11.10
C VAL A 306 20.39 -7.16 11.27
N SER A 311 25.33 1.48 12.41
CA SER A 311 25.06 2.70 13.17
C SER A 311 24.84 3.92 12.29
N VAL A 312 24.17 4.95 12.82
CA VAL A 312 23.74 6.09 12.02
C VAL A 312 24.93 6.92 11.56
N ALA A 313 25.74 7.39 12.50
CA ALA A 313 26.89 8.22 12.15
C ALA A 313 27.88 7.48 11.25
N GLU A 314 27.89 6.14 11.30
CA GLU A 314 28.79 5.35 10.48
C GLU A 314 28.32 5.23 9.04
N ALA A 315 27.01 5.32 8.81
CA ALA A 315 26.44 5.12 7.49
C ALA A 315 26.35 6.40 6.66
N LEU A 316 26.58 7.55 7.26
CA LEU A 316 26.48 8.82 6.59
C LEU A 316 27.87 9.43 6.35
N PRO A 317 28.00 10.28 5.33
CA PRO A 317 29.30 10.92 5.04
C PRO A 317 29.88 11.64 6.26
N LYS A 318 31.20 11.75 6.28
CA LYS A 318 31.90 12.33 7.43
C LYS A 318 31.39 13.73 7.72
N GLY A 319 31.11 14.00 8.99
CA GLY A 319 30.68 15.32 9.41
C GLY A 319 29.27 15.69 9.04
N PHE A 320 28.49 14.76 8.49
CA PHE A 320 27.14 15.06 8.00
C PHE A 320 26.25 15.60 9.12
N LEU A 321 26.10 14.85 10.21
CA LEU A 321 25.23 15.27 11.30
C LEU A 321 25.69 16.58 11.91
N GLU A 322 27.00 16.83 11.96
CA GLU A 322 27.52 18.05 12.57
C GLU A 322 27.19 19.27 11.74
N ARG A 323 27.32 19.17 10.41
CA ARG A 323 26.98 20.30 9.56
C ARG A 323 25.47 20.52 9.52
N ILE A 324 24.67 19.43 9.52
CA ILE A 324 23.22 19.59 9.45
C ILE A 324 22.69 20.30 10.69
N GLY A 325 23.24 19.99 11.85
CA GLY A 325 22.78 20.60 13.09
C GLY A 325 21.30 20.35 13.33
N ASP A 326 20.57 21.44 13.55
CA ASP A 326 19.14 21.42 13.84
C ASP A 326 18.28 21.42 12.59
N ARG A 327 18.89 21.46 11.40
CA ARG A 327 18.15 21.60 10.14
C ARG A 327 17.59 20.28 9.62
N GLY A 328 17.88 19.17 10.28
CA GLY A 328 17.31 17.90 9.89
C GLY A 328 17.50 16.89 10.98
N MET A 329 16.77 15.79 10.88
CA MET A 329 17.05 14.68 11.78
C MET A 329 16.84 13.35 11.04
N VAL A 330 17.66 12.38 11.44
CA VAL A 330 17.64 11.04 10.87
C VAL A 330 17.06 10.11 11.92
N VAL A 331 16.08 9.31 11.53
CA VAL A 331 15.36 8.43 12.44
C VAL A 331 15.62 7.02 11.98
N GLU A 332 16.13 6.19 12.89
CA GLU A 332 16.33 4.78 12.60
C GLU A 332 15.00 4.03 12.70
N GLY A 333 14.76 3.14 11.74
CA GLY A 333 13.70 2.14 11.87
C GLY A 333 12.30 2.55 11.51
N TRP A 334 11.68 3.43 12.30
CA TRP A 334 10.26 3.73 12.16
C TRP A 334 10.00 5.15 12.59
N ALA A 335 8.97 5.76 12.02
CA ALA A 335 8.60 7.14 12.34
C ALA A 335 7.10 7.30 12.15
N PRO A 336 6.48 8.28 12.84
CA PRO A 336 5.03 8.44 12.72
C PRO A 336 4.62 9.17 11.45
N GLN A 337 4.45 8.39 10.37
CA GLN A 337 4.35 8.96 9.04
C GLN A 337 3.11 9.84 8.91
N ALA A 338 1.95 9.33 9.32
CA ALA A 338 0.71 10.10 9.18
C ALA A 338 0.77 11.37 10.02
N LYS A 339 1.32 11.29 11.24
CA LYS A 339 1.44 12.49 12.07
C LYS A 339 2.34 13.52 11.41
N ILE A 340 3.43 13.08 10.79
CA ILE A 340 4.34 14.01 10.13
C ILE A 340 3.67 14.65 8.92
N LEU A 341 3.01 13.85 8.07
CA LEU A 341 2.44 14.41 6.84
C LEU A 341 1.31 15.38 7.15
N LYS A 342 0.63 15.17 8.30
CA LYS A 342 -0.45 16.02 8.77
C LYS A 342 0.05 17.36 9.27
N HIS A 343 1.30 17.41 9.71
CA HIS A 343 1.81 18.58 10.40
C HIS A 343 1.92 19.76 9.45
N SER A 344 1.55 20.94 9.93
CA SER A 344 1.55 22.13 9.08
C SER A 344 2.96 22.50 8.62
N SER A 345 3.99 22.04 9.32
CA SER A 345 5.35 22.35 8.88
C SER A 345 5.82 21.52 7.69
N THR A 346 5.14 20.42 7.37
CA THR A 346 5.64 19.51 6.34
C THR A 346 5.31 20.04 4.95
N GLY A 347 6.28 20.00 4.06
CA GLY A 347 6.08 20.62 2.76
C GLY A 347 6.36 19.70 1.59
N GLY A 348 6.88 18.51 1.85
CA GLY A 348 7.17 17.59 0.76
C GLY A 348 7.44 16.22 1.30
N PHE A 349 7.31 15.23 0.41
CA PHE A 349 7.45 13.82 0.78
C PHE A 349 8.34 13.14 -0.26
N VAL A 350 9.56 12.79 0.12
CA VAL A 350 10.42 11.99 -0.74
C VAL A 350 10.04 10.53 -0.48
N SER A 351 9.45 9.89 -1.49
CA SER A 351 8.75 8.62 -1.33
C SER A 351 9.17 7.62 -2.40
N HIS A 352 9.29 6.35 -2.01
CA HIS A 352 9.41 5.27 -2.98
C HIS A 352 8.12 5.05 -3.77
N CYS A 353 7.04 5.77 -3.43
CA CYS A 353 5.77 5.70 -4.14
C CYS A 353 5.05 4.37 -3.93
N GLY A 354 5.22 3.75 -2.75
CA GLY A 354 4.30 2.70 -2.34
C GLY A 354 2.88 3.23 -2.28
N TRP A 355 1.91 2.32 -2.48
CA TRP A 355 0.54 2.76 -2.74
C TRP A 355 -0.12 3.39 -1.50
N SER A 356 0.11 2.80 -0.31
CA SER A 356 -0.43 3.40 0.90
C SER A 356 0.17 4.77 1.15
N SER A 357 1.46 4.90 0.95
CA SER A 357 2.12 6.17 1.23
C SER A 357 1.63 7.25 0.30
N ILE A 358 1.36 6.93 -0.97
CA ILE A 358 0.94 8.01 -1.86
C ILE A 358 -0.52 8.36 -1.63
N MET A 359 -1.36 7.40 -1.23
CA MET A 359 -2.72 7.77 -0.84
C MET A 359 -2.72 8.65 0.40
N GLU A 360 -1.93 8.30 1.41
CA GLU A 360 -1.83 9.15 2.60
C GLU A 360 -1.37 10.56 2.24
N SER A 361 -0.32 10.67 1.40
CA SER A 361 0.22 11.98 1.05
C SER A 361 -0.83 12.80 0.31
N MET A 362 -1.60 12.14 -0.56
CA MET A 362 -2.62 12.85 -1.31
C MET A 362 -3.78 13.29 -0.40
N LYS A 363 -4.20 12.42 0.52
CA LYS A 363 -5.23 12.81 1.49
C LYS A 363 -4.81 14.02 2.33
N LEU A 364 -3.53 14.07 2.72
CA LEU A 364 -3.03 15.10 3.65
C LEU A 364 -2.45 16.32 2.95
N GLY A 365 -2.47 16.35 1.61
CA GLY A 365 -2.09 17.56 0.91
C GLY A 365 -0.60 17.79 0.79
N ILE A 366 0.19 16.74 0.71
CA ILE A 366 1.64 16.89 0.65
C ILE A 366 2.11 16.48 -0.74
N PRO A 367 2.79 17.35 -1.48
CA PRO A 367 3.31 16.94 -2.80
C PRO A 367 4.46 15.97 -2.68
N ILE A 368 4.65 15.17 -3.73
CA ILE A 368 5.52 14.00 -3.68
C ILE A 368 6.76 14.28 -4.52
N ILE A 369 7.93 13.98 -3.94
CA ILE A 369 9.18 13.85 -4.69
C ILE A 369 9.36 12.35 -4.95
N ALA A 370 9.12 11.93 -6.18
CA ALA A 370 8.95 10.52 -6.51
C ALA A 370 10.31 9.85 -6.74
N MET A 371 10.61 8.84 -5.94
CA MET A 371 11.84 8.05 -6.09
C MET A 371 11.47 6.57 -6.10
N PRO A 372 10.77 6.10 -7.14
CA PRO A 372 10.37 4.69 -7.20
C PRO A 372 11.57 3.77 -7.11
N MET A 373 11.39 2.64 -6.43
CA MET A 373 12.51 1.75 -6.15
C MET A 373 12.39 0.39 -6.83
N GLN A 374 11.19 -0.20 -6.87
CA GLN A 374 11.01 -1.57 -7.32
C GLN A 374 9.53 -1.84 -7.55
N LEU A 375 9.23 -3.03 -8.06
CA LEU A 375 7.85 -3.55 -8.13
C LEU A 375 6.97 -2.59 -8.93
N ASP A 376 5.75 -2.27 -8.44
CA ASP A 376 4.76 -1.39 -9.05
C ASP A 376 5.14 0.10 -8.95
N GLN A 377 6.26 0.44 -8.31
CA GLN A 377 6.50 1.83 -7.97
C GLN A 377 6.75 2.71 -9.18
N PRO A 378 7.52 2.28 -10.20
CA PRO A 378 7.64 3.12 -11.40
C PRO A 378 6.29 3.55 -11.97
N PHE A 379 5.32 2.63 -12.04
CA PHE A 379 4.01 2.98 -12.59
C PHE A 379 3.25 3.95 -11.69
N ASN A 380 3.28 3.73 -10.38
CA ASN A 380 2.69 4.70 -9.46
C ASN A 380 3.28 6.09 -9.70
N ALA A 381 4.59 6.16 -9.89
CA ALA A 381 5.26 7.42 -10.18
C ALA A 381 4.74 8.06 -11.46
N ARG A 382 4.65 7.27 -12.54
CA ARG A 382 4.07 7.83 -13.78
C ARG A 382 2.67 8.36 -13.55
N LEU A 383 1.86 7.62 -12.79
CA LEU A 383 0.51 8.07 -12.51
C LEU A 383 0.50 9.40 -11.77
N LEU A 384 1.34 9.54 -10.74
CA LEU A 384 1.32 10.76 -9.93
C LEU A 384 1.86 11.97 -10.68
N GLU A 385 2.90 11.80 -11.53
CA GLU A 385 3.32 12.90 -12.39
C GLU A 385 2.19 13.34 -13.31
N GLU A 386 1.53 12.39 -13.98
CA GLU A 386 0.42 12.73 -14.87
C GLU A 386 -0.70 13.43 -14.10
N PHE A 387 -0.99 12.95 -12.90
CA PHE A 387 -2.04 13.53 -12.07
C PHE A 387 -1.66 14.91 -11.57
N GLY A 388 -0.37 15.26 -11.54
CA GLY A 388 0.05 16.60 -11.17
C GLY A 388 0.47 16.83 -9.73
N VAL A 389 0.59 15.77 -8.91
CA VAL A 389 0.95 15.92 -7.49
C VAL A 389 2.36 15.47 -7.17
N ALA A 390 3.11 14.99 -8.16
CA ALA A 390 4.47 14.52 -7.94
C ALA A 390 5.40 15.08 -9.00
N MET A 391 6.67 15.18 -8.63
CA MET A 391 7.75 15.40 -9.57
C MET A 391 8.77 14.29 -9.35
N GLU A 392 9.24 13.65 -10.42
CA GLU A 392 10.16 12.52 -10.24
C GLU A 392 11.63 12.93 -10.27
N VAL A 393 12.42 12.29 -9.41
CA VAL A 393 13.87 12.30 -9.49
C VAL A 393 14.28 11.28 -10.56
N VAL A 394 14.71 11.76 -11.72
CA VAL A 394 15.10 10.84 -12.79
C VAL A 394 16.56 10.45 -12.61
N ARG A 395 16.84 9.16 -12.72
CA ARG A 395 18.18 8.65 -12.56
C ARG A 395 18.94 8.77 -13.86
N GLU A 396 20.24 8.48 -13.78
CA GLU A 396 21.09 8.47 -14.97
C GLU A 396 20.81 7.23 -15.81
N LYS A 397 21.28 7.27 -17.07
CA LYS A 397 21.10 6.16 -17.99
C LYS A 397 21.42 4.82 -17.33
N ASP A 398 22.52 4.75 -16.58
CA ASP A 398 22.95 3.56 -15.88
C ASP A 398 22.08 3.20 -14.69
N GLY A 399 21.06 4.01 -14.38
CA GLY A 399 20.17 3.76 -13.26
C GLY A 399 20.67 4.22 -11.91
N THR A 400 21.77 4.96 -11.83
CA THR A 400 22.26 5.41 -10.54
C THR A 400 21.73 6.81 -10.20
N LEU A 401 21.73 7.14 -8.92
CA LEU A 401 21.24 8.43 -8.44
C LEU A 401 22.34 9.48 -8.43
N ARG A 402 21.95 10.73 -8.64
CA ARG A 402 22.85 11.87 -8.49
C ARG A 402 22.30 12.83 -7.44
N ARG A 403 23.20 13.29 -6.56
CA ARG A 403 22.82 14.21 -5.48
C ARG A 403 22.22 15.50 -6.01
N GLU A 404 22.71 15.97 -7.16
CA GLU A 404 22.21 17.22 -7.70
C GLU A 404 20.80 17.07 -8.25
N GLU A 405 20.43 15.88 -8.74
CA GLU A 405 19.05 15.66 -9.20
C GLU A 405 18.09 15.59 -8.01
N ILE A 406 18.51 14.91 -6.94
CA ILE A 406 17.71 14.86 -5.71
C ILE A 406 17.51 16.25 -5.14
N ALA A 407 18.60 17.02 -4.99
CA ALA A 407 18.47 18.37 -4.43
C ALA A 407 17.61 19.25 -5.32
N ASN A 408 17.80 19.20 -6.64
CA ASN A 408 17.04 20.08 -7.52
C ASN A 408 15.54 19.81 -7.42
N VAL A 409 15.14 18.53 -7.33
CA VAL A 409 13.71 18.23 -7.28
C VAL A 409 13.13 18.56 -5.90
N ILE A 410 13.86 18.29 -4.82
CA ILE A 410 13.39 18.71 -3.49
C ILE A 410 13.15 20.21 -3.47
N ARG A 411 14.10 21.00 -4.00
CA ARG A 411 13.97 22.45 -3.93
C ARG A 411 12.79 22.94 -4.77
N LYS A 412 12.59 22.36 -5.93
CA LYS A 412 11.52 22.90 -6.76
C LYS A 412 10.14 22.48 -6.27
N VAL A 413 10.00 21.28 -5.69
CA VAL A 413 8.70 20.91 -5.10
C VAL A 413 8.44 21.75 -3.85
N VAL A 414 9.43 21.89 -2.98
CA VAL A 414 9.16 22.53 -1.70
C VAL A 414 9.29 24.06 -1.77
N VAL A 415 10.23 24.60 -2.54
CA VAL A 415 10.63 26.01 -2.38
C VAL A 415 10.33 26.82 -3.64
N GLU A 416 10.74 26.34 -4.80
CA GLU A 416 10.86 27.23 -5.94
C GLU A 416 9.54 27.37 -6.69
N LYS A 417 9.47 28.44 -7.49
CA LYS A 417 8.26 28.72 -8.28
C LYS A 417 7.92 27.58 -9.21
N SER A 418 8.93 26.85 -9.69
CA SER A 418 8.69 25.71 -10.58
C SER A 418 7.69 24.71 -10.01
N GLY A 419 7.59 24.59 -8.69
CA GLY A 419 6.70 23.62 -8.08
C GLY A 419 5.34 24.09 -7.65
N GLU A 420 4.92 25.34 -7.97
CA GLU A 420 3.62 25.79 -7.47
C GLU A 420 2.48 24.91 -7.98
N GLY A 421 2.56 24.44 -9.22
CA GLY A 421 1.49 23.60 -9.73
C GLY A 421 1.32 22.32 -8.92
N VAL A 422 2.43 21.70 -8.55
CA VAL A 422 2.34 20.46 -7.79
C VAL A 422 1.86 20.74 -6.36
N ARG A 423 2.32 21.83 -5.75
CA ARG A 423 1.82 22.18 -4.42
C ARG A 423 0.33 22.51 -4.46
N ALA A 424 -0.13 23.16 -5.54
CA ALA A 424 -1.53 23.54 -5.62
C ALA A 424 -2.41 22.31 -5.87
N LYS A 425 -1.99 21.43 -6.76
CA LYS A 425 -2.79 20.24 -7.04
C LYS A 425 -2.86 19.33 -5.81
N ALA A 426 -1.77 19.22 -5.05
CA ALA A 426 -1.83 18.42 -3.82
C ALA A 426 -2.86 19.01 -2.85
N ARG A 427 -2.82 20.33 -2.65
CA ARG A 427 -3.83 21.02 -1.86
C ARG A 427 -5.24 20.74 -2.38
N GLN A 428 -5.43 20.85 -3.69
CA GLN A 428 -6.76 20.65 -4.27
C GLN A 428 -7.23 19.21 -4.07
N VAL A 429 -6.35 18.24 -4.31
CA VAL A 429 -6.74 16.83 -4.12
C VAL A 429 -7.12 16.57 -2.67
N SER A 430 -6.37 17.12 -1.72
CA SER A 430 -6.65 16.89 -0.30
C SER A 430 -8.04 17.41 0.09
N GLU A 431 -8.37 18.63 -0.33
CA GLU A 431 -9.70 19.17 -0.06
C GLU A 431 -10.80 18.22 -0.57
N SER A 432 -10.69 17.79 -1.82
CA SER A 432 -11.73 16.98 -2.44
C SER A 432 -11.88 15.62 -1.76
N LEU A 433 -10.76 14.95 -1.43
CA LEU A 433 -10.86 13.68 -0.74
C LEU A 433 -11.47 13.88 0.64
N ARG A 434 -11.15 14.99 1.31
CA ARG A 434 -11.75 15.24 2.61
C ARG A 434 -13.26 15.49 2.50
N LYS A 435 -13.72 16.10 1.40
CA LYS A 435 -15.15 16.28 1.18
C LYS A 435 -15.83 15.02 0.67
N LYS A 436 -15.09 14.10 0.04
CA LYS A 436 -15.68 12.87 -0.49
C LYS A 436 -16.17 11.95 0.61
N GLY A 437 -15.49 11.93 1.76
CA GLY A 437 -15.88 11.07 2.86
C GLY A 437 -15.87 9.60 2.51
N ASP A 438 -17.07 8.99 2.48
CA ASP A 438 -17.24 7.57 2.16
C ASP A 438 -18.36 7.39 1.14
N GLU A 439 -18.25 8.05 -0.01
CA GLU A 439 -19.19 7.77 -1.08
C GLU A 439 -18.89 6.43 -1.74
N GLU A 440 -17.60 6.11 -1.91
CA GLU A 440 -17.25 4.85 -2.54
C GLU A 440 -17.70 3.65 -1.71
N VAL A 441 -17.70 3.80 -0.37
CA VAL A 441 -18.11 2.71 0.51
C VAL A 441 -19.59 2.38 0.33
N ASP A 442 -20.44 3.39 0.13
CA ASP A 442 -21.86 3.12 -0.12
C ASP A 442 -22.04 2.30 -1.38
N GLU A 443 -21.27 2.59 -2.43
CA GLU A 443 -21.33 1.78 -3.64
C GLU A 443 -20.84 0.36 -3.36
N VAL A 444 -19.79 0.22 -2.55
CA VAL A 444 -19.29 -1.10 -2.19
C VAL A 444 -20.35 -1.92 -1.47
N VAL A 445 -21.02 -1.32 -0.47
CA VAL A 445 -22.04 -2.03 0.31
C VAL A 445 -23.17 -2.51 -0.61
N VAL A 446 -23.68 -1.62 -1.45
CA VAL A 446 -24.78 -1.99 -2.33
C VAL A 446 -24.37 -3.14 -3.25
N GLU A 447 -23.15 -3.10 -3.79
CA GLU A 447 -22.70 -4.17 -4.68
C GLU A 447 -22.62 -5.49 -3.93
N LEU A 448 -22.03 -5.47 -2.73
CA LEU A 448 -21.86 -6.72 -1.98
C LEU A 448 -23.19 -7.30 -1.54
N LEU A 449 -24.18 -6.46 -1.23
CA LEU A 449 -25.50 -6.96 -0.85
C LEU A 449 -26.17 -7.67 -2.02
N GLN A 450 -26.08 -7.08 -3.22
CA GLN A 450 -26.63 -7.73 -4.40
C GLN A 450 -25.96 -9.06 -4.68
N ILE A 451 -24.62 -9.11 -4.62
CA ILE A 451 -23.91 -10.37 -4.83
C ILE A 451 -24.43 -11.43 -3.86
N CYS A 452 -24.49 -11.08 -2.59
CA CYS A 452 -24.79 -12.08 -1.58
C CYS A 452 -26.25 -12.53 -1.68
N ARG A 453 -27.17 -11.61 -2.00
CA ARG A 453 -28.57 -12.00 -2.16
C ARG A 453 -28.75 -12.98 -3.33
N LYS A 454 -28.18 -12.65 -4.49
CA LYS A 454 -28.33 -13.55 -5.64
C LYS A 454 -27.69 -14.89 -5.35
N TYR A 455 -26.52 -14.89 -4.72
CA TYR A 455 -25.81 -16.12 -4.45
C TYR A 455 -26.61 -17.03 -3.54
N GLU A 456 -27.33 -16.45 -2.58
CA GLU A 456 -28.14 -17.20 -1.63
C GLU A 456 -29.43 -17.75 -2.27
N LEU A 457 -30.05 -16.98 -3.16
CA LEU A 457 -31.24 -17.47 -3.84
C LEU A 457 -30.93 -18.71 -4.68
N ILE A 458 -29.79 -18.70 -5.38
CA ILE A 458 -29.38 -19.88 -6.14
C ILE A 458 -29.07 -21.04 -5.19
N GLY A 459 -28.52 -20.75 -4.01
CA GLY A 459 -28.19 -21.82 -3.08
C GLY A 459 -29.40 -22.54 -2.51
N LYS A 460 -30.50 -21.81 -2.28
CA LYS A 460 -31.75 -22.42 -1.83
C LYS A 460 -32.28 -23.46 -2.83
N MET A 461 -31.82 -23.43 -4.08
CA MET A 461 -32.31 -24.37 -5.08
C MET A 461 -31.74 -25.78 -4.89
N SER A 462 -30.62 -25.92 -4.17
CA SER A 462 -30.09 -27.26 -3.89
C SER A 462 -30.85 -27.93 -2.76
N1 UDP B . 5.01 3.71 7.49
C2 UDP B . 5.02 4.40 8.68
N3 UDP B . 6.25 4.76 9.15
C4 UDP B . 7.46 4.51 8.54
C5 UDP B . 7.39 3.80 7.30
C6 UDP B . 6.19 3.42 6.82
O2 UDP B . 3.99 4.66 9.29
O4 UDP B . 8.51 4.92 9.08
C1' UDP B . 3.72 3.29 6.95
C2' UDP B . 3.12 4.30 5.97
O2' UDP B . 2.37 5.32 6.64
C3' UDP B . 2.24 3.40 5.11
C4' UDP B . 3.05 2.10 5.05
O4' UDP B . 3.92 2.11 6.21
O3' UDP B . 0.94 3.21 5.66
C5' UDP B . 3.88 1.92 3.82
O5' UDP B . 2.98 1.40 2.81
PA UDP B . 3.33 1.53 1.27
O1A UDP B . 3.39 2.97 0.96
O2A UDP B . 2.38 0.66 0.42
O3A UDP B . 4.78 0.89 1.14
PB UDP B . 5.09 -0.65 1.07
O1B UDP B . 5.55 -0.97 2.50
O2B UDP B . 6.30 -0.72 0.17
O3B UDP B . 3.90 -1.47 0.56
#